data_2B9S
#
_entry.id   2B9S
#
_cell.length_a   72.433
_cell.length_b   106.102
_cell.length_c   126.691
_cell.angle_alpha   90.00
_cell.angle_beta   90.00
_cell.angle_gamma   90.00
#
_symmetry.space_group_name_H-M   'P 21 21 21'
#
loop_
_entity.id
_entity.type
_entity.pdbx_description
1 polymer "5'-D(*AP*AP*AP*AP*AP*GP*AP*CP*TP*T)-3'"
2 polymer "5'-D(*AP*GP*AP*AP*AP*AP*AP*TP*TP*TP*TP*T)-3'"
3 polymer "5'-D(*AP*AP*AP*AP*AP*TP*TP*TP*TP*TP*CP*TP*AP*AP*GP*TP*CP*TP*TP*TP*TP*T)-3'"
4 polymer 'topoisomerase I-like protein'
5 polymer 'DNA topoisomerase I-like protein'
6 non-polymer 'VANADATE ION'
7 water water
#
loop_
_entity_poly.entity_id
_entity_poly.type
_entity_poly.pdbx_seq_one_letter_code
_entity_poly.pdbx_strand_id
1 'polydeoxyribonucleotide' (DA)(DA)(DA)(DA)(DA)(DG)(DA)(DC)(DT)(DT) C
2 'polydeoxyribonucleotide' (DA)(DG)(DA)(DA)(DA)(DA)(DA)(DT)(DT)(DT)(DT)(DT) D
3 'polydeoxyribonucleotide'
;(DA)(DA)(DA)(DA)(DA)(DT)(DT)(DT)(DT)(DT)(DC)(DT)(DA)(DA)(DG)(DT)(DC)(DT)(DT)(DT)
(DT)(DT)
;
E
4 'polypeptide(L)'
;EEDLNWWEQENLRIAMKGERRWETLAHNGVLFPPEYEPHGIPIFYDGREFKMTPEEEEVATMFAVMKEHDYYRMEVFRRN
FFESWREILDKRQHPIRRLELCDFEPIYQWHLVQREKKLSRTKEEKKAIKEKQDAEAEPYRYCVWDGRREQVANFRVEPP
GLFRGRGKHPLMGKLKVRVQPEDITINIGETAEVPVPPAGHKWAAVQHDHTVTWLAMWRDSVAGNMKYVMLAPSSSVKGQ
SDMVKFEKARKLKDKVDDIRASYMEDFKSNDLHVAQRAVAMYFIDRLALRVGNEKGEDEADTVGCCSLRVEHIQLMPDNI
VRFDFLGKDSIRYQNDVAVLPEVYALLQRFTRRKSPGMDIFDQLNPTQLNDHLKSFMDGLSAKVFRTYNASITLDRWFKE
KPVDPKWSTADKLAYFNKANTEVAILCNHQKS
;
A
5 'polypeptide(L)' ENIIRIKDDNKAVSLGTSKINYIDPRIICSWAKAQDVPINKIFSATIQKKFPWAMNAENFDF B
#
loop_
_chem_comp.id
_chem_comp.type
_chem_comp.name
_chem_comp.formula
DA DNA linking 2'-DEOXYADENOSINE-5'-MONOPHOSPHATE 'C10 H14 N5 O6 P'
DC DNA linking 2'-DEOXYCYTIDINE-5'-MONOPHOSPHATE 'C9 H14 N3 O7 P'
DG DNA linking 2'-DEOXYGUANOSINE-5'-MONOPHOSPHATE 'C10 H14 N5 O7 P'
DT DNA linking THYMIDINE-5'-MONOPHOSPHATE 'C10 H15 N2 O8 P'
VO4 non-polymer 'VANADATE ION' 'O4 V -3'
#
# COMPACT_ATOMS: atom_id res chain seq x y z
N ASP D 3 -23.65 17.57 19.42
CA ASP D 3 -22.22 17.95 19.20
C ASP D 3 -21.21 16.93 19.77
N LEU D 4 -21.63 15.67 19.86
CA LEU D 4 -20.74 14.59 20.24
C LEU D 4 -19.78 14.26 19.10
N ASN D 5 -18.71 13.52 19.42
CA ASN D 5 -17.96 12.79 18.42
C ASN D 5 -18.64 11.48 18.02
N TRP D 6 -18.28 10.97 16.85
CA TRP D 6 -19.13 10.05 16.11
C TRP D 6 -19.11 8.66 16.75
N TRP D 7 -18.15 8.43 17.62
CA TRP D 7 -18.00 7.13 18.28
C TRP D 7 -18.58 7.17 19.70
N GLU D 8 -18.96 8.35 20.15
CA GLU D 8 -19.78 8.49 21.34
C GLU D 8 -21.27 8.56 20.98
N GLN D 9 -21.56 8.58 19.69
CA GLN D 9 -22.93 8.57 19.21
C GLN D 9 -23.69 7.32 19.65
N GLU D 10 -24.99 7.50 19.91
CA GLU D 10 -25.86 6.43 20.37
C GLU D 10 -26.02 5.32 19.33
N ASN D 11 -26.80 5.57 18.27
CA ASN D 11 -27.11 4.52 17.29
C ASN D 11 -26.85 4.92 15.84
N LEU D 12 -25.61 5.30 15.55
CA LEU D 12 -25.24 5.77 14.21
C LEU D 12 -25.11 4.62 13.21
N ARG D 13 -25.58 4.87 11.99
CA ARG D 13 -25.41 3.94 10.89
C ARG D 13 -24.17 4.36 10.11
N ILE D 14 -23.14 3.52 10.17
CA ILE D 14 -21.96 3.76 9.33
C ILE D 14 -22.24 3.24 7.92
N ALA D 15 -22.10 4.10 6.93
CA ALA D 15 -22.29 3.69 5.53
C ALA D 15 -21.11 2.84 5.02
N MET D 16 -21.41 1.84 4.20
CA MET D 16 -20.42 0.93 3.64
C MET D 16 -20.08 1.36 2.22
N LYS D 17 -19.01 0.79 1.67
CA LYS D 17 -18.51 1.05 0.32
C LYS D 17 -19.66 0.93 -0.68
N GLY D 18 -19.81 1.94 -1.56
CA GLY D 18 -20.80 1.91 -2.63
C GLY D 18 -22.16 2.49 -2.27
N GLU D 19 -22.44 2.61 -0.96
CA GLU D 19 -23.61 3.30 -0.44
C GLU D 19 -23.35 4.79 -0.43
N ARG D 20 -24.39 5.57 -0.16
CA ARG D 20 -24.29 7.02 0.00
C ARG D 20 -23.34 7.39 1.14
N ARG D 21 -22.29 8.14 0.83
CA ARG D 21 -21.22 8.35 1.81
C ARG D 21 -21.22 9.75 2.41
N TRP D 22 -21.78 10.71 1.67
CA TRP D 22 -21.83 12.12 2.11
C TRP D 22 -23.06 12.84 1.53
N GLU D 23 -23.42 13.98 2.14
CA GLU D 23 -24.52 14.83 1.68
C GLU D 23 -23.97 16.07 1.04
N THR D 24 -22.91 16.59 1.66
CA THR D 24 -22.22 17.76 1.12
C THR D 24 -20.70 17.53 1.13
N LEU D 25 -20.06 18.06 0.10
CA LEU D 25 -18.62 17.99 -0.03
C LEU D 25 -18.08 19.24 -0.71
N ALA D 26 -17.19 19.93 -0.02
CA ALA D 26 -16.52 21.11 -0.52
C ALA D 26 -15.00 20.97 -0.36
N HIS D 27 -14.25 21.34 -1.39
CA HIS D 27 -12.79 21.28 -1.34
C HIS D 27 -12.22 22.14 -2.44
N ASN D 28 -10.93 22.41 -2.36
CA ASN D 28 -10.23 23.30 -3.29
C ASN D 28 -9.39 22.62 -4.39
N GLY D 29 -9.60 21.33 -4.59
CA GLY D 29 -8.88 20.59 -5.64
C GLY D 29 -7.48 20.20 -5.22
N VAL D 30 -6.55 20.29 -6.16
CA VAL D 30 -5.23 19.69 -6.00
C VAL D 30 -4.09 20.68 -6.18
N LEU D 31 -2.96 20.41 -5.52
CA LEU D 31 -1.75 21.21 -5.69
C LEU D 31 -0.83 20.56 -6.73
N PHE D 32 -0.67 21.23 -7.87
CA PHE D 32 0.19 20.79 -8.97
C PHE D 32 1.64 21.17 -8.67
N PRO D 33 2.60 20.22 -8.88
CA PRO D 33 4.01 20.59 -8.70
C PRO D 33 4.42 21.73 -9.64
N PRO D 34 5.52 22.45 -9.31
CA PRO D 34 5.98 23.56 -10.19
C PRO D 34 6.32 23.10 -11.61
N GLU D 35 6.06 23.96 -12.58
CA GLU D 35 6.47 23.72 -13.97
C GLU D 35 8.00 23.46 -14.07
N TYR D 36 8.42 22.63 -15.01
CA TYR D 36 9.87 22.32 -15.16
C TYR D 36 10.71 23.57 -15.47
N GLU D 37 11.83 23.76 -14.75
CA GLU D 37 12.75 24.87 -14.99
C GLU D 37 14.06 24.37 -15.61
N PRO D 38 14.22 24.56 -16.94
CA PRO D 38 15.42 24.00 -17.58
C PRO D 38 16.71 24.66 -17.11
N HIS D 39 17.78 23.90 -17.09
CA HIS D 39 19.08 24.44 -16.67
C HIS D 39 19.99 24.69 -17.87
N GLY D 40 19.61 24.15 -19.03
CA GLY D 40 20.41 24.27 -20.25
C GLY D 40 21.79 23.61 -20.26
N ILE D 41 22.05 22.73 -19.29
CA ILE D 41 23.28 21.91 -19.31
C ILE D 41 23.19 20.80 -20.36
N PRO D 42 24.15 20.72 -21.28
CA PRO D 42 24.15 19.64 -22.27
C PRO D 42 24.55 18.28 -21.70
N ILE D 43 24.26 17.22 -22.45
CA ILE D 43 25.03 15.99 -22.35
C ILE D 43 25.99 15.82 -23.52
N PHE D 44 26.82 14.79 -23.44
CA PHE D 44 27.71 14.45 -24.53
C PHE D 44 27.38 13.07 -25.08
N TYR D 45 27.07 13.00 -26.37
CA TYR D 45 26.82 11.73 -27.01
C TYR D 45 27.98 11.36 -27.92
N ASP D 46 28.48 10.13 -27.76
CA ASP D 46 29.69 9.67 -28.45
C ASP D 46 30.82 10.73 -28.52
N GLY D 47 31.02 11.43 -27.40
CA GLY D 47 32.00 12.52 -27.31
C GLY D 47 31.60 13.91 -27.81
N ARG D 48 30.48 14.04 -28.50
CA ARG D 48 30.06 15.35 -29.06
C ARG D 48 28.93 15.98 -28.24
N GLU D 49 29.07 17.26 -27.92
CA GLU D 49 28.04 17.96 -27.15
C GLU D 49 26.67 17.83 -27.79
N PHE D 50 25.65 17.63 -26.94
CA PHE D 50 24.27 17.48 -27.40
C PHE D 50 23.31 18.35 -26.58
N LYS D 51 22.57 19.20 -27.28
CA LYS D 51 21.60 20.10 -26.68
C LYS D 51 20.20 19.50 -26.75
N MET D 52 19.39 19.86 -25.76
CA MET D 52 18.06 19.29 -25.59
C MET D 52 16.98 20.36 -25.40
N THR D 53 15.80 20.08 -25.94
CA THR D 53 14.57 20.78 -25.55
C THR D 53 14.36 20.53 -24.05
N PRO D 54 13.69 21.47 -23.35
CA PRO D 54 13.29 21.33 -21.94
C PRO D 54 12.64 19.97 -21.58
N GLU D 55 11.85 19.43 -22.50
CA GLU D 55 11.14 18.18 -22.32
C GLU D 55 12.09 16.98 -22.34
N GLU D 56 13.06 16.99 -23.26
CA GLU D 56 14.13 15.98 -23.34
C GLU D 56 15.05 16.11 -22.15
N GLU D 57 15.35 17.34 -21.77
CA GLU D 57 16.29 17.64 -20.72
C GLU D 57 15.77 17.21 -19.36
N GLU D 58 14.47 17.40 -19.15
CA GLU D 58 13.85 17.04 -17.90
C GLU D 58 13.96 15.53 -17.65
N VAL D 59 13.69 14.74 -18.69
CA VAL D 59 13.74 13.29 -18.63
C VAL D 59 15.17 12.74 -18.52
N ALA D 60 16.10 13.31 -19.28
CA ALA D 60 17.54 13.06 -19.10
C ALA D 60 18.02 13.30 -17.67
N THR D 61 17.54 14.39 -17.06
CA THR D 61 17.96 14.80 -15.72
C THR D 61 17.45 13.81 -14.69
N MET D 62 16.27 13.27 -14.90
CA MET D 62 15.66 12.28 -14.00
C MET D 62 16.58 11.06 -13.78
N PHE D 63 17.11 10.53 -14.88
CA PHE D 63 18.09 9.44 -14.92
C PHE D 63 19.47 9.84 -14.39
N ALA D 64 20.04 10.91 -14.96
CA ALA D 64 21.37 11.44 -14.59
C ALA D 64 21.59 11.57 -13.10
N VAL D 65 20.56 12.04 -12.43
CA VAL D 65 20.48 12.35 -11.00
C VAL D 65 20.47 11.07 -10.13
N MET D 66 20.09 9.95 -10.75
CA MET D 66 19.99 8.65 -10.07
C MET D 66 21.27 7.81 -10.14
N LYS D 67 22.39 8.43 -10.51
CA LYS D 67 23.70 7.75 -10.73
C LYS D 67 24.18 6.81 -9.59
N GLU D 68 23.91 7.17 -8.34
CA GLU D 68 24.40 6.38 -7.21
C GLU D 68 23.37 5.35 -6.70
N HIS D 69 22.20 5.30 -7.34
CA HIS D 69 21.13 4.39 -6.96
C HIS D 69 21.29 3.05 -7.66
N ASP D 70 20.91 1.97 -6.99
CA ASP D 70 20.92 0.61 -7.57
C ASP D 70 20.14 0.47 -8.87
N TYR D 71 19.02 1.19 -8.98
CA TYR D 71 18.21 1.22 -10.21
C TYR D 71 19.03 1.56 -11.46
N TYR D 72 19.94 2.53 -11.31
CA TYR D 72 20.74 3.08 -12.41
C TYR D 72 21.58 2.04 -13.15
N ARG D 73 21.95 0.98 -12.42
CA ARG D 73 22.77 -0.11 -12.93
C ARG D 73 21.97 -1.35 -13.30
N MET D 74 20.64 -1.31 -13.16
CA MET D 74 19.78 -2.43 -13.56
C MET D 74 19.44 -2.34 -15.04
N GLU D 75 19.61 -3.42 -15.78
CA GLU D 75 19.31 -3.37 -17.22
C GLU D 75 17.87 -3.03 -17.60
N VAL D 76 16.91 -3.54 -16.83
CA VAL D 76 15.50 -3.32 -17.16
C VAL D 76 15.16 -1.85 -16.97
N PHE D 77 15.66 -1.28 -15.87
CA PHE D 77 15.46 0.11 -15.55
C PHE D 77 16.03 1.02 -16.65
N ARG D 78 17.28 0.74 -17.05
CA ARG D 78 18.01 1.49 -18.08
C ARG D 78 17.34 1.40 -19.44
N ARG D 79 16.89 0.20 -19.78
CA ARG D 79 16.19 -0.05 -21.01
C ARG D 79 14.86 0.71 -21.06
N ASN D 80 14.09 0.67 -19.99
CA ASN D 80 12.79 1.32 -19.99
C ASN D 80 12.89 2.84 -20.02
N PHE D 81 13.84 3.38 -19.26
CA PHE D 81 14.19 4.81 -19.35
C PHE D 81 14.52 5.24 -20.78
N PHE D 82 15.42 4.50 -21.45
CA PHE D 82 15.93 4.85 -22.77
C PHE D 82 14.82 4.83 -23.82
N GLU D 83 13.92 3.85 -23.71
CA GLU D 83 12.75 3.79 -24.59
C GLU D 83 11.83 4.98 -24.38
N SER D 84 11.54 5.29 -23.12
CA SER D 84 10.75 6.48 -22.78
C SER D 84 11.38 7.76 -23.31
N TRP D 85 12.69 7.90 -23.09
CA TRP D 85 13.43 9.10 -23.48
C TRP D 85 13.47 9.28 -25.00
N ARG D 86 13.76 8.20 -25.71
CA ARG D 86 13.71 8.13 -27.18
C ARG D 86 12.35 8.46 -27.83
N GLU D 87 11.25 8.11 -27.17
CA GLU D 87 9.91 8.51 -27.65
C GLU D 87 9.79 10.03 -27.76
N ILE D 88 10.43 10.72 -26.82
CA ILE D 88 10.44 12.18 -26.79
C ILE D 88 11.43 12.69 -27.83
N LEU D 89 12.65 12.15 -27.80
CA LEU D 89 13.74 12.55 -28.68
C LEU D 89 13.41 12.33 -30.16
N ASP D 90 12.69 11.24 -30.44
CA ASP D 90 12.38 10.81 -31.82
C ASP D 90 11.36 11.71 -32.50
N LYS D 91 10.85 12.72 -31.81
CA LYS D 91 9.99 13.71 -32.44
C LYS D 91 10.78 14.68 -33.34
N ARG D 92 12.10 14.77 -33.10
CA ARG D 92 12.98 15.60 -33.93
C ARG D 92 14.21 14.81 -34.39
N GLN D 93 15.12 15.45 -35.11
CA GLN D 93 16.32 14.79 -35.65
C GLN D 93 17.42 14.83 -34.61
N HIS D 94 18.05 13.68 -34.35
CA HIS D 94 19.10 13.59 -33.31
C HIS D 94 19.94 12.35 -33.57
N PRO D 95 21.17 12.33 -32.99
CA PRO D 95 22.06 11.20 -33.17
C PRO D 95 22.03 10.09 -32.09
N ILE D 96 21.11 10.16 -31.11
CA ILE D 96 21.09 9.24 -29.95
C ILE D 96 20.59 7.82 -30.32
N ARG D 97 21.48 6.83 -30.25
CA ARG D 97 21.08 5.46 -30.66
C ARG D 97 21.35 4.41 -29.59
N ARG D 98 22.27 4.74 -28.68
CA ARG D 98 22.69 3.80 -27.66
C ARG D 98 22.99 4.54 -26.36
N LEU D 99 22.35 4.09 -25.29
CA LEU D 99 22.53 4.63 -23.93
C LEU D 99 23.98 4.61 -23.45
N GLU D 100 24.72 3.58 -23.87
CA GLU D 100 26.13 3.37 -23.50
C GLU D 100 27.00 4.56 -23.91
N LEU D 101 26.62 5.21 -25.02
CA LEU D 101 27.37 6.34 -25.57
C LEU D 101 26.93 7.71 -25.04
N CYS D 102 25.94 7.74 -24.14
CA CYS D 102 25.46 8.97 -23.52
C CYS D 102 26.26 9.27 -22.27
N ASP D 103 26.79 10.47 -22.15
CA ASP D 103 27.51 10.88 -20.95
C ASP D 103 26.73 11.98 -20.24
N PHE D 104 26.18 11.65 -19.08
CA PHE D 104 25.31 12.52 -18.31
C PHE D 104 26.03 13.32 -17.26
N GLU D 105 27.35 13.26 -17.27
CA GLU D 105 28.18 13.83 -16.20
C GLU D 105 27.99 15.35 -15.93
N PRO D 106 27.93 16.19 -17.01
CA PRO D 106 27.66 17.61 -16.71
C PRO D 106 26.33 17.83 -15.94
N ILE D 107 25.28 17.09 -16.27
CA ILE D 107 24.03 17.23 -15.54
C ILE D 107 24.14 16.69 -14.11
N TYR D 108 24.75 15.50 -13.96
CA TYR D 108 25.01 14.97 -12.62
C TYR D 108 25.75 15.97 -11.73
N GLN D 109 26.82 16.53 -12.25
CA GLN D 109 27.61 17.52 -11.51
C GLN D 109 26.81 18.76 -11.17
N TRP D 110 26.00 19.25 -12.12
CA TRP D 110 25.02 20.34 -11.86
C TRP D 110 24.15 19.99 -10.66
N HIS D 111 23.60 18.77 -10.65
CA HIS D 111 22.75 18.30 -9.56
C HIS D 111 23.46 18.29 -8.18
N LEU D 112 24.74 17.95 -8.16
CA LEU D 112 25.53 17.93 -6.91
C LEU D 112 25.80 19.34 -6.39
N VAL D 113 25.93 20.29 -7.30
CA VAL D 113 26.05 21.70 -6.95
C VAL D 113 24.73 22.22 -6.38
N GLN D 114 23.61 21.84 -6.97
CA GLN D 114 22.30 22.28 -6.51
C GLN D 114 21.92 21.72 -5.15
N ARG D 115 22.31 20.46 -4.90
CA ARG D 115 22.11 19.80 -3.61
C ARG D 115 22.98 20.44 -2.50
N GLU D 116 24.22 20.78 -2.83
CA GLU D 116 25.09 21.50 -1.90
C GLU D 116 24.52 22.88 -1.55
N LYS D 117 24.06 23.62 -2.56
CA LYS D 117 23.44 24.95 -2.36
C LYS D 117 22.19 24.89 -1.48
N LYS D 118 21.48 23.76 -1.50
CA LYS D 118 20.27 23.60 -0.71
C LYS D 118 20.62 23.25 0.74
N LEU D 119 21.65 22.43 0.90
CA LEU D 119 22.16 22.03 2.21
C LEU D 119 22.80 23.21 2.98
N SER D 120 23.37 24.18 2.26
CA SER D 120 24.12 25.27 2.91
C SER D 120 23.39 26.63 2.96
N ARG D 121 22.07 26.57 3.04
CA ARG D 121 21.26 27.76 3.34
C ARG D 121 21.15 27.91 4.87
N THR D 122 20.90 29.14 5.33
CA THR D 122 20.80 29.40 6.78
C THR D 122 19.51 28.86 7.40
N LYS D 123 19.43 28.82 8.72
CA LYS D 123 18.22 28.38 9.42
C LYS D 123 17.05 29.31 9.13
N GLU D 124 17.36 30.59 8.90
CA GLU D 124 16.39 31.63 8.60
C GLU D 124 15.97 31.58 7.13
N GLU D 125 16.87 31.10 6.26
CA GLU D 125 16.56 30.90 4.85
C GLU D 125 15.69 29.66 4.61
N LYS D 126 15.87 28.62 5.44
CA LYS D 126 15.10 27.39 5.37
C LYS D 126 13.74 27.45 6.12
N LYS D 127 13.51 28.57 6.81
CA LYS D 127 12.23 28.86 7.46
C LYS D 127 11.38 29.70 6.53
N ALA D 128 12.01 30.62 5.80
CA ALA D 128 11.29 31.43 4.82
C ALA D 128 10.91 30.61 3.57
N ILE D 129 11.61 29.49 3.37
CA ILE D 129 11.22 28.49 2.38
C ILE D 129 10.09 27.58 2.89
N LYS D 130 10.20 27.08 4.13
CA LYS D 130 9.12 26.27 4.72
C LYS D 130 7.83 27.07 4.92
N GLU D 131 7.97 28.36 5.24
CA GLU D 131 6.82 29.27 5.39
C GLU D 131 6.11 29.56 4.08
N LYS D 132 6.87 29.69 2.97
CA LYS D 132 6.29 29.98 1.66
C LYS D 132 5.54 28.80 1.04
N GLN D 133 5.92 27.59 1.42
CA GLN D 133 5.35 26.36 0.84
C GLN D 133 4.08 25.91 1.56
N ASP D 134 3.85 26.45 2.74
CA ASP D 134 2.87 25.91 3.65
C ASP D 134 1.73 26.87 3.58
N ALA D 135 2.06 28.09 3.20
CA ALA D 135 1.12 29.00 2.57
C ALA D 135 0.53 28.46 1.29
N GLU D 136 1.35 27.82 0.48
CA GLU D 136 0.91 27.39 -0.84
C GLU D 136 -0.02 26.19 -0.72
N ALA D 137 0.31 25.30 0.18
CA ALA D 137 -0.46 24.10 0.47
C ALA D 137 -1.74 24.32 1.30
N GLU D 138 -1.81 25.43 2.04
CA GLU D 138 -2.89 25.64 3.03
C GLU D 138 -4.33 25.56 2.48
N PRO D 139 -4.62 26.17 1.31
CA PRO D 139 -5.97 26.03 0.78
C PRO D 139 -6.36 24.59 0.39
N TYR D 140 -5.40 23.65 0.42
CA TYR D 140 -5.60 22.30 -0.10
C TYR D 140 -5.58 21.22 0.98
N ARG D 141 -5.17 21.59 2.19
CA ARG D 141 -4.98 20.63 3.28
C ARG D 141 -6.29 20.18 3.87
N TYR D 142 -7.35 20.91 3.58
CA TYR D 142 -8.65 20.65 4.21
C TYR D 142 -9.79 20.65 3.26
N CYS D 143 -10.81 19.85 3.60
CA CYS D 143 -12.08 19.87 2.91
C CYS D 143 -13.19 19.93 3.96
N VAL D 144 -14.43 20.07 3.50
CA VAL D 144 -15.58 20.04 4.40
C VAL D 144 -16.51 18.93 3.94
N TRP D 145 -16.59 17.89 4.77
CA TRP D 145 -17.35 16.68 4.49
C TRP D 145 -18.53 16.69 5.46
N ASP D 146 -19.74 16.83 4.92
CA ASP D 146 -20.97 16.93 5.72
C ASP D 146 -20.87 17.99 6.84
N GLY D 147 -20.32 19.16 6.52
CA GLY D 147 -20.19 20.27 7.49
C GLY D 147 -18.99 20.20 8.43
N ARG D 148 -18.34 19.05 8.49
CA ARG D 148 -17.13 18.88 9.31
C ARG D 148 -15.85 19.06 8.49
N ARG D 149 -14.91 19.79 9.07
CA ARG D 149 -13.62 20.01 8.45
C ARG D 149 -12.78 18.73 8.62
N GLU D 150 -12.21 18.26 7.49
CA GLU D 150 -11.35 17.08 7.50
C GLU D 150 -10.07 17.35 6.73
N GLN D 151 -8.97 16.79 7.21
CA GLN D 151 -7.72 16.84 6.46
C GLN D 151 -7.81 15.97 5.19
N VAL D 152 -7.23 16.47 4.11
CA VAL D 152 -7.04 15.74 2.86
C VAL D 152 -5.60 15.16 2.87
N ALA D 153 -5.45 13.91 2.43
CA ALA D 153 -4.15 13.23 2.56
C ALA D 153 -3.15 13.54 1.43
N ASN D 154 -3.50 13.19 0.20
CA ASN D 154 -2.54 13.31 -0.91
C ASN D 154 -2.97 14.35 -1.96
N PHE D 155 -3.20 15.58 -1.51
CA PHE D 155 -3.63 16.69 -2.39
C PHE D 155 -2.54 17.18 -3.36
N ARG D 156 -1.28 16.87 -3.07
CA ARG D 156 -0.18 17.18 -4.00
C ARG D 156 -0.08 16.13 -5.10
N VAL D 157 -0.42 16.53 -6.32
CA VAL D 157 -0.33 15.68 -7.50
C VAL D 157 1.10 15.15 -7.67
N GLU D 158 1.20 13.83 -7.93
CA GLU D 158 2.49 13.16 -8.08
C GLU D 158 3.28 13.84 -9.17
N PRO D 159 4.53 14.25 -8.85
CA PRO D 159 5.37 14.77 -9.92
C PRO D 159 5.85 13.65 -10.88
N PRO D 160 6.17 14.03 -12.11
CA PRO D 160 6.69 13.06 -13.09
C PRO D 160 8.01 12.41 -12.63
N GLY D 161 8.27 11.20 -13.10
CA GLY D 161 9.49 10.55 -12.72
C GLY D 161 9.63 9.21 -13.39
N LEU D 162 10.81 8.62 -13.22
CA LEU D 162 11.08 7.26 -13.68
C LEU D 162 10.46 6.28 -12.69
N PHE D 163 9.57 5.44 -13.19
CA PHE D 163 8.81 4.45 -12.38
C PHE D 163 9.66 3.57 -11.47
N ARG D 164 9.42 3.66 -10.16
CA ARG D 164 10.17 2.87 -9.18
C ARG D 164 9.43 1.61 -8.75
N GLY D 165 9.48 0.61 -9.63
CA GLY D 165 8.88 -0.66 -9.36
C GLY D 165 9.69 -1.47 -8.36
N ARG D 166 8.97 -2.16 -7.48
CA ARG D 166 9.53 -3.05 -6.48
C ARG D 166 9.92 -4.39 -7.09
N GLY D 167 10.98 -4.98 -6.57
CA GLY D 167 11.48 -6.26 -7.05
C GLY D 167 11.82 -6.29 -8.53
N LYS D 168 11.46 -7.38 -9.20
CA LYS D 168 11.75 -7.54 -10.60
C LYS D 168 10.57 -7.07 -11.44
N HIS D 169 10.25 -5.78 -11.31
CA HIS D 169 9.18 -5.15 -12.10
C HIS D 169 9.63 -4.88 -13.53
N PRO D 170 8.90 -5.43 -14.52
CA PRO D 170 9.31 -5.27 -15.93
C PRO D 170 9.22 -3.83 -16.50
N LEU D 171 8.52 -2.94 -15.80
CA LEU D 171 8.34 -1.54 -16.22
C LEU D 171 9.17 -0.56 -15.38
N MET D 172 10.05 -1.04 -14.50
CA MET D 172 10.90 -0.11 -13.75
C MET D 172 11.69 0.76 -14.77
N GLY D 173 11.81 2.05 -14.48
CA GLY D 173 12.52 3.00 -15.36
C GLY D 173 11.63 3.73 -16.34
N LYS D 174 10.45 3.18 -16.62
CA LYS D 174 9.50 3.81 -17.52
C LYS D 174 9.04 5.20 -16.99
N LEU D 175 8.85 6.15 -17.92
CA LEU D 175 8.40 7.48 -17.54
C LEU D 175 6.94 7.54 -17.07
N LYS D 176 6.77 8.03 -15.85
CA LYS D 176 5.49 8.46 -15.33
C LYS D 176 5.36 9.94 -15.70
N VAL D 177 4.50 10.24 -16.67
CA VAL D 177 4.42 11.61 -17.18
C VAL D 177 3.69 12.60 -16.26
N ARG D 178 3.93 13.89 -16.50
CA ARG D 178 3.28 14.99 -15.79
C ARG D 178 1.77 14.94 -15.98
N VAL D 179 1.06 14.94 -14.85
CA VAL D 179 -0.40 15.05 -14.82
C VAL D 179 -0.87 16.48 -15.13
N GLN D 180 -1.70 16.63 -16.15
CA GLN D 180 -2.34 17.91 -16.50
C GLN D 180 -3.75 18.03 -15.87
N PRO D 181 -4.26 19.27 -15.72
CA PRO D 181 -5.66 19.42 -15.32
C PRO D 181 -6.64 18.57 -16.17
N GLU D 182 -6.35 18.43 -17.46
CA GLU D 182 -7.19 17.65 -18.38
C GLU D 182 -7.22 16.16 -18.07
N ASP D 183 -6.30 15.71 -17.22
CA ASP D 183 -6.22 14.30 -16.81
C ASP D 183 -7.08 14.02 -15.57
N ILE D 184 -7.40 15.08 -14.82
CA ILE D 184 -8.00 14.99 -13.48
C ILE D 184 -9.51 15.20 -13.47
N THR D 185 -10.20 14.23 -12.89
CA THR D 185 -11.64 14.28 -12.65
C THR D 185 -11.84 14.75 -11.22
N ILE D 186 -12.65 15.80 -11.06
CA ILE D 186 -12.99 16.35 -9.75
C ILE D 186 -14.32 15.74 -9.28
N ASN D 187 -14.31 15.23 -8.05
CA ASN D 187 -15.54 14.77 -7.41
C ASN D 187 -15.87 15.71 -6.25
N ILE D 188 -17.03 16.35 -6.34
CA ILE D 188 -17.45 17.40 -5.41
C ILE D 188 -18.98 17.47 -5.29
N GLY D 189 -19.50 18.21 -4.28
CA GLY D 189 -20.96 18.40 -4.14
C GLY D 189 -21.57 19.27 -5.23
N GLU D 190 -22.79 18.94 -5.64
CA GLU D 190 -23.55 19.72 -6.64
C GLU D 190 -23.62 21.23 -6.36
N THR D 191 -23.66 21.62 -5.10
CA THR D 191 -23.88 23.00 -4.72
C THR D 191 -22.59 23.67 -4.27
N ALA D 192 -21.46 22.94 -4.30
CA ALA D 192 -20.18 23.50 -3.85
C ALA D 192 -19.57 24.42 -4.90
N GLU D 193 -18.69 25.30 -4.44
CA GLU D 193 -17.80 26.02 -5.34
C GLU D 193 -16.77 25.05 -5.98
N VAL D 194 -16.73 25.02 -7.32
CA VAL D 194 -15.83 24.14 -8.05
C VAL D 194 -14.40 24.72 -8.08
N PRO D 195 -13.38 23.91 -7.68
CA PRO D 195 -11.97 24.34 -7.81
C PRO D 195 -11.69 24.93 -9.18
N VAL D 196 -10.96 26.02 -9.25
CA VAL D 196 -10.65 26.66 -10.55
C VAL D 196 -9.44 25.93 -11.15
N PRO D 197 -9.54 25.45 -12.40
CA PRO D 197 -8.31 24.93 -13.02
C PRO D 197 -7.30 26.05 -13.30
N PRO D 198 -5.99 25.70 -13.35
CA PRO D 198 -4.96 26.66 -13.77
C PRO D 198 -5.35 27.39 -15.06
N ALA D 199 -4.94 28.65 -15.15
CA ALA D 199 -5.29 29.52 -16.26
C ALA D 199 -4.96 28.84 -17.58
N GLY D 200 -5.97 28.73 -18.46
CA GLY D 200 -5.78 28.16 -19.78
C GLY D 200 -6.02 26.67 -19.86
N HIS D 201 -6.27 26.03 -18.71
CA HIS D 201 -6.54 24.59 -18.69
C HIS D 201 -7.95 24.33 -18.18
N LYS D 202 -8.44 23.10 -18.38
CA LYS D 202 -9.71 22.65 -17.79
C LYS D 202 -9.53 21.28 -17.12
N TRP D 203 -10.48 20.90 -16.27
CA TRP D 203 -10.56 19.56 -15.70
C TRP D 203 -11.03 18.55 -16.76
N ALA D 204 -10.77 17.26 -16.53
CA ALA D 204 -11.30 16.19 -17.41
C ALA D 204 -12.83 16.22 -17.35
N ALA D 205 -13.33 16.39 -16.14
CA ALA D 205 -14.74 16.24 -15.82
C ALA D 205 -14.94 16.69 -14.37
N VAL D 206 -16.15 17.15 -14.07
CA VAL D 206 -16.56 17.49 -12.71
C VAL D 206 -17.81 16.66 -12.48
N GLN D 207 -17.79 15.84 -11.44
CA GLN D 207 -18.91 14.98 -11.11
C GLN D 207 -19.29 15.18 -9.64
N HIS D 208 -20.39 14.56 -9.25
CA HIS D 208 -21.01 14.76 -7.96
C HIS D 208 -21.50 13.43 -7.46
N ASP D 209 -20.56 12.49 -7.29
CA ASP D 209 -20.89 11.11 -6.91
C ASP D 209 -20.85 10.95 -5.39
N HIS D 210 -22.03 10.83 -4.78
CA HIS D 210 -22.19 10.71 -3.31
C HIS D 210 -21.88 9.29 -2.82
N THR D 211 -21.64 8.36 -3.74
CA THR D 211 -21.37 6.95 -3.41
C THR D 211 -19.88 6.63 -3.34
N VAL D 212 -19.04 7.64 -3.60
CA VAL D 212 -17.58 7.50 -3.47
C VAL D 212 -16.97 8.51 -2.47
N THR D 213 -15.72 8.28 -2.06
CA THR D 213 -15.06 9.03 -0.97
C THR D 213 -13.86 9.84 -1.44
N TRP D 214 -13.64 9.87 -2.75
CA TRP D 214 -12.49 10.55 -3.32
C TRP D 214 -12.84 11.93 -3.85
N LEU D 215 -11.86 12.83 -3.82
CA LEU D 215 -12.08 14.23 -4.23
C LEU D 215 -11.57 14.49 -5.64
N ALA D 216 -10.61 13.68 -6.07
CA ALA D 216 -10.05 13.80 -7.41
C ALA D 216 -9.44 12.46 -7.85
N MET D 217 -9.31 12.26 -9.16
CA MET D 217 -8.84 11.01 -9.76
C MET D 217 -8.12 11.34 -11.06
N TRP D 218 -7.03 10.63 -11.32
CA TRP D 218 -6.42 10.63 -12.64
C TRP D 218 -5.94 9.24 -12.99
N ARG D 219 -5.66 9.03 -14.26
CA ARG D 219 -5.18 7.74 -14.71
C ARG D 219 -3.66 7.85 -14.94
N ASP D 220 -2.91 7.02 -14.22
CA ASP D 220 -1.45 7.06 -14.25
C ASP D 220 -0.87 6.46 -15.55
N SER D 221 0.17 7.10 -16.11
CA SER D 221 0.66 6.74 -17.45
C SER D 221 1.49 5.46 -17.55
N VAL D 222 2.06 5.00 -16.43
CA VAL D 222 2.89 3.79 -16.45
C VAL D 222 2.09 2.54 -16.91
N ALA D 223 0.94 2.30 -16.29
CA ALA D 223 0.10 1.12 -16.53
C ALA D 223 -1.41 1.46 -16.58
N GLY D 224 -1.76 2.74 -16.55
CA GLY D 224 -3.18 3.16 -16.57
C GLY D 224 -3.90 3.01 -15.24
N ASN D 225 -3.14 2.87 -14.15
CA ASN D 225 -3.68 2.72 -12.81
C ASN D 225 -4.36 3.99 -12.31
N MET D 226 -5.56 3.84 -11.79
CA MET D 226 -6.32 4.96 -11.24
C MET D 226 -5.78 5.41 -9.87
N LYS D 227 -5.48 6.71 -9.77
CA LYS D 227 -4.97 7.37 -8.56
C LYS D 227 -6.03 8.34 -7.98
N TYR D 228 -6.12 8.39 -6.66
CA TYR D 228 -7.17 9.17 -6.01
C TYR D 228 -6.63 10.04 -4.92
N VAL D 229 -7.14 11.26 -4.86
CA VAL D 229 -7.00 12.10 -3.69
C VAL D 229 -8.11 11.73 -2.71
N MET D 230 -7.71 11.30 -1.52
CA MET D 230 -8.65 10.86 -0.48
C MET D 230 -8.36 11.55 0.87
N LEU D 231 -9.23 11.36 1.86
CA LEU D 231 -9.07 11.99 3.19
C LEU D 231 -7.95 11.37 4.01
N ALA D 232 -7.45 12.12 4.99
CA ALA D 232 -6.42 11.65 5.90
C ALA D 232 -7.00 10.61 6.86
N PRO D 233 -6.15 9.72 7.40
CA PRO D 233 -6.64 8.68 8.32
C PRO D 233 -7.33 9.23 9.59
N SER D 234 -6.99 10.47 9.97
CA SER D 234 -7.65 11.21 11.07
C SER D 234 -9.10 11.60 10.80
N SER D 235 -9.53 11.52 9.54
CA SER D 235 -10.91 11.85 9.17
C SER D 235 -11.92 10.81 9.68
N SER D 236 -13.17 11.22 9.83
CA SER D 236 -14.18 10.33 10.37
C SER D 236 -14.59 9.23 9.40
N VAL D 237 -14.54 9.52 8.10
CA VAL D 237 -14.88 8.51 7.10
C VAL D 237 -13.86 7.36 7.11
N LYS D 238 -12.59 7.68 7.44
CA LYS D 238 -11.55 6.67 7.49
C LYS D 238 -11.67 5.92 8.80
N GLY D 239 -11.97 6.65 9.86
CA GLY D 239 -12.05 6.12 11.22
C GLY D 239 -13.16 5.11 11.33
N GLN D 240 -14.30 5.46 10.75
CA GLN D 240 -15.51 4.66 10.82
C GLN D 240 -15.38 3.38 10.02
N SER D 241 -14.79 3.47 8.83
CA SER D 241 -14.56 2.27 8.03
C SER D 241 -13.46 1.43 8.69
N ASP D 242 -12.54 2.09 9.37
CA ASP D 242 -11.51 1.41 10.15
C ASP D 242 -12.02 0.62 11.35
N MET D 243 -13.04 1.13 12.03
CA MET D 243 -13.63 0.44 13.17
C MET D 243 -14.51 -0.73 12.71
N VAL D 244 -15.27 -0.49 11.64
CA VAL D 244 -16.12 -1.51 11.04
C VAL D 244 -15.29 -2.73 10.59
N LYS D 245 -14.12 -2.45 10.02
CA LYS D 245 -13.11 -3.45 9.70
C LYS D 245 -12.67 -4.32 10.92
N PHE D 246 -12.36 -3.68 12.04
CA PHE D 246 -12.01 -4.43 13.25
C PHE D 246 -13.20 -5.15 13.87
N GLU D 247 -14.39 -4.59 13.71
CA GLU D 247 -15.61 -5.26 14.16
C GLU D 247 -15.92 -6.52 13.34
N LYS D 248 -15.57 -6.56 12.05
CA LYS D 248 -15.70 -7.87 11.36
C LYS D 248 -14.68 -8.93 11.74
N ALA D 249 -13.45 -8.52 12.06
CA ALA D 249 -12.44 -9.46 12.57
C ALA D 249 -12.87 -10.13 13.90
N ARG D 250 -13.50 -9.33 14.79
CA ARG D 250 -14.13 -9.76 16.05
C ARG D 250 -15.32 -10.70 15.83
N LYS D 251 -16.10 -10.45 14.77
CA LYS D 251 -17.22 -11.32 14.43
C LYS D 251 -16.74 -12.64 13.84
N LEU D 252 -15.59 -12.61 13.15
CA LEU D 252 -14.94 -13.83 12.66
C LEU D 252 -14.45 -14.72 13.82
N LYS D 253 -13.94 -14.09 14.87
CA LYS D 253 -13.48 -14.81 16.08
C LYS D 253 -14.51 -15.82 16.60
N ASP D 254 -15.78 -15.43 16.51
CA ASP D 254 -16.89 -16.27 16.93
C ASP D 254 -17.35 -17.25 15.87
N LYS D 255 -17.02 -17.01 14.60
CA LYS D 255 -17.41 -17.92 13.52
C LYS D 255 -16.28 -18.89 13.15
N VAL D 256 -15.09 -18.64 13.69
CA VAL D 256 -13.87 -19.36 13.31
C VAL D 256 -13.93 -20.88 13.46
N ASP D 257 -14.34 -21.36 14.63
CA ASP D 257 -14.48 -22.79 14.92
C ASP D 257 -15.39 -23.53 13.92
N ASP D 258 -16.48 -22.89 13.52
CA ASP D 258 -17.45 -23.45 12.60
C ASP D 258 -16.94 -23.51 11.16
N ILE D 259 -15.95 -22.66 10.87
CA ILE D 259 -15.37 -22.52 9.53
C ILE D 259 -14.35 -23.65 9.34
N ARG D 260 -13.60 -23.91 10.42
CA ARG D 260 -12.56 -24.93 10.51
C ARG D 260 -13.09 -26.35 10.48
N ALA D 261 -14.26 -26.55 11.09
CA ALA D 261 -14.94 -27.83 11.07
C ALA D 261 -15.47 -28.04 9.67
N SER D 262 -15.89 -26.96 9.03
CA SER D 262 -16.38 -26.99 7.64
C SER D 262 -15.26 -27.35 6.62
N TYR D 263 -14.12 -26.67 6.68
CA TYR D 263 -13.04 -27.02 5.74
C TYR D 263 -12.34 -28.35 6.05
N MET D 264 -12.37 -28.78 7.30
CA MET D 264 -11.84 -30.10 7.66
C MET D 264 -12.67 -31.27 7.12
N GLU D 265 -13.97 -31.05 6.94
CA GLU D 265 -14.83 -31.99 6.25
C GLU D 265 -14.56 -31.96 4.72
N ASP D 266 -14.20 -30.78 4.20
CA ASP D 266 -13.86 -30.61 2.78
C ASP D 266 -12.52 -31.23 2.39
N PHE D 267 -11.63 -31.43 3.37
CA PHE D 267 -10.40 -32.16 3.12
C PHE D 267 -10.68 -33.53 2.51
N LYS D 268 -11.82 -34.12 2.89
CA LYS D 268 -12.16 -35.48 2.46
C LYS D 268 -13.03 -35.49 1.20
N SER D 269 -13.25 -34.32 0.60
CA SER D 269 -14.06 -34.21 -0.60
C SER D 269 -13.45 -34.90 -1.82
N ASN D 270 -14.30 -35.41 -2.70
CA ASN D 270 -13.81 -35.96 -3.97
C ASN D 270 -13.94 -34.93 -5.08
N ASP D 271 -14.54 -33.78 -4.74
CA ASP D 271 -14.56 -32.65 -5.66
C ASP D 271 -13.22 -31.91 -5.55
N LEU D 272 -12.51 -31.78 -6.67
CA LEU D 272 -11.14 -31.23 -6.65
C LEU D 272 -11.11 -29.73 -6.26
N HIS D 273 -12.06 -28.95 -6.78
CA HIS D 273 -12.22 -27.56 -6.36
C HIS D 273 -12.42 -27.41 -4.85
N VAL D 274 -13.31 -28.24 -4.28
CA VAL D 274 -13.65 -28.18 -2.86
C VAL D 274 -12.44 -28.49 -1.95
N ALA D 275 -11.70 -29.55 -2.30
CA ALA D 275 -10.52 -29.98 -1.54
C ALA D 275 -9.41 -28.92 -1.57
N GLN D 276 -9.21 -28.33 -2.76
CA GLN D 276 -8.26 -27.21 -2.96
C GLN D 276 -8.67 -25.96 -2.18
N ARG D 277 -9.96 -25.60 -2.31
CA ARG D 277 -10.59 -24.53 -1.51
C ARG D 277 -10.33 -24.69 -0.01
N ALA D 278 -10.42 -25.93 0.49
CA ALA D 278 -10.17 -26.29 1.90
C ALA D 278 -8.72 -26.05 2.36
N VAL D 279 -7.75 -26.48 1.55
CA VAL D 279 -6.34 -26.27 1.88
C VAL D 279 -5.97 -24.77 1.82
N ALA D 280 -6.58 -24.05 0.89
CA ALA D 280 -6.33 -22.62 0.75
C ALA D 280 -6.86 -21.89 1.95
N MET D 281 -8.09 -22.21 2.37
CA MET D 281 -8.61 -21.55 3.56
C MET D 281 -7.92 -22.00 4.86
N TYR D 282 -7.39 -23.22 4.88
CA TYR D 282 -6.51 -23.67 5.94
C TYR D 282 -5.22 -22.83 6.05
N PHE D 283 -4.59 -22.56 4.89
CA PHE D 283 -3.41 -21.70 4.83
C PHE D 283 -3.69 -20.26 5.25
N ILE D 284 -4.77 -19.68 4.74
CA ILE D 284 -5.17 -18.31 5.04
C ILE D 284 -5.52 -18.14 6.53
N ASP D 285 -6.23 -19.12 7.07
CA ASP D 285 -6.55 -19.18 8.50
C ASP D 285 -5.29 -19.34 9.37
N ARG D 286 -4.53 -20.43 9.16
CA ARG D 286 -3.48 -20.80 10.12
C ARG D 286 -2.20 -20.02 9.95
N LEU D 287 -1.90 -19.64 8.70
CA LEU D 287 -0.66 -18.95 8.35
C LEU D 287 -0.83 -17.47 7.97
N ALA D 288 -2.07 -17.00 7.94
CA ALA D 288 -2.45 -15.64 7.52
C ALA D 288 -1.85 -15.18 6.17
N LEU D 289 -1.87 -16.05 5.16
CA LEU D 289 -1.44 -15.65 3.81
C LEU D 289 -2.46 -14.69 3.17
N ARG D 290 -1.96 -13.79 2.34
CA ARG D 290 -2.85 -13.04 1.46
C ARG D 290 -3.40 -14.02 0.42
N VAL D 291 -4.59 -13.71 -0.09
CA VAL D 291 -5.35 -14.56 -1.00
C VAL D 291 -4.68 -14.83 -2.35
N GLY D 292 -3.89 -13.88 -2.84
CA GLY D 292 -3.11 -14.07 -4.07
C GLY D 292 -3.88 -14.00 -5.37
N ASN D 293 -4.31 -12.79 -5.74
CA ASN D 293 -4.93 -12.56 -7.04
C ASN D 293 -3.89 -12.70 -8.16
N GLU D 294 -4.37 -13.12 -9.34
CA GLU D 294 -3.54 -13.24 -10.52
C GLU D 294 -2.96 -11.88 -10.92
N LYS D 295 -1.70 -11.88 -11.34
CA LYS D 295 -1.00 -10.69 -11.81
C LYS D 295 -0.75 -10.70 -13.33
N GLY D 296 -0.73 -9.51 -13.92
CA GLY D 296 -0.46 -9.33 -15.35
C GLY D 296 0.98 -9.56 -15.77
N GLU D 297 1.20 -9.62 -17.08
CA GLU D 297 2.54 -9.88 -17.66
C GLU D 297 3.45 -8.67 -17.48
N ASP D 298 2.84 -7.51 -17.20
CA ASP D 298 3.59 -6.29 -17.00
C ASP D 298 3.77 -5.94 -15.52
N GLU D 299 3.77 -6.95 -14.66
CA GLU D 299 3.94 -6.79 -13.22
C GLU D 299 5.04 -7.71 -12.76
N ALA D 300 5.60 -7.45 -11.58
CA ALA D 300 6.54 -8.40 -10.97
C ALA D 300 5.82 -9.68 -10.62
N ASP D 301 6.58 -10.78 -10.64
CA ASP D 301 6.03 -12.12 -10.42
C ASP D 301 5.99 -12.38 -8.90
N THR D 302 4.82 -12.20 -8.30
CA THR D 302 4.66 -12.43 -6.87
C THR D 302 3.37 -13.17 -6.67
N VAL D 303 3.27 -13.85 -5.53
CA VAL D 303 2.16 -14.76 -5.31
C VAL D 303 1.60 -14.59 -3.91
N GLY D 304 0.36 -15.04 -3.75
CA GLY D 304 -0.22 -15.28 -2.43
C GLY D 304 -0.84 -16.65 -2.49
N CYS D 305 -1.79 -16.91 -1.61
CA CYS D 305 -2.32 -18.26 -1.44
C CYS D 305 -2.77 -18.96 -2.74
N CYS D 306 -3.80 -18.41 -3.40
CA CYS D 306 -4.43 -19.00 -4.56
C CYS D 306 -3.50 -19.10 -5.79
N SER D 307 -2.39 -18.36 -5.77
CA SER D 307 -1.45 -18.39 -6.91
C SER D 307 -0.10 -19.10 -6.63
N LEU D 308 0.02 -19.77 -5.48
CA LEU D 308 1.22 -20.57 -5.21
C LEU D 308 1.44 -21.61 -6.31
N ARG D 309 2.71 -21.77 -6.71
CA ARG D 309 3.09 -22.72 -7.74
C ARG D 309 3.89 -23.87 -7.09
N VAL D 310 4.02 -24.96 -7.82
CA VAL D 310 4.74 -26.14 -7.34
C VAL D 310 6.13 -25.81 -6.77
N GLU D 311 6.87 -24.93 -7.47
CA GLU D 311 8.16 -24.42 -7.00
C GLU D 311 8.18 -23.70 -5.63
N HIS D 312 7.02 -23.29 -5.13
CA HIS D 312 6.97 -22.44 -3.92
C HIS D 312 6.88 -23.23 -2.65
N ILE D 313 6.53 -24.51 -2.76
CA ILE D 313 6.52 -25.44 -1.61
C ILE D 313 7.44 -26.65 -1.81
N GLN D 314 7.94 -27.17 -0.70
CA GLN D 314 8.80 -28.34 -0.71
C GLN D 314 8.32 -29.25 0.43
N LEU D 315 8.00 -30.50 0.09
CA LEU D 315 7.51 -31.48 1.05
C LEU D 315 8.65 -32.20 1.77
N MET D 316 8.76 -31.96 3.08
CA MET D 316 9.81 -32.49 3.94
C MET D 316 9.31 -33.69 4.75
N PRO D 317 10.24 -34.44 5.41
CA PRO D 317 9.95 -35.72 6.10
C PRO D 317 8.74 -35.75 7.05
N ASP D 318 8.71 -34.93 8.09
CA ASP D 318 7.71 -35.16 9.16
C ASP D 318 6.48 -34.24 9.11
N ASN D 319 5.72 -34.36 8.02
CA ASN D 319 4.53 -33.51 7.75
C ASN D 319 4.86 -32.02 7.71
N ILE D 320 6.09 -31.72 7.38
CA ILE D 320 6.59 -30.36 7.32
C ILE D 320 6.60 -29.86 5.86
N VAL D 321 5.94 -28.71 5.64
CA VAL D 321 6.01 -28.00 4.36
C VAL D 321 6.94 -26.82 4.51
N ARG D 322 7.95 -26.76 3.66
CA ARG D 322 8.81 -25.61 3.48
C ARG D 322 8.27 -24.68 2.36
N PHE D 323 7.77 -23.52 2.77
CA PHE D 323 7.35 -22.42 1.87
C PHE D 323 8.54 -21.52 1.52
N ASP D 324 8.71 -21.17 0.25
CA ASP D 324 9.69 -20.15 -0.13
C ASP D 324 9.21 -19.39 -1.37
N PHE D 325 8.77 -18.17 -1.16
CA PHE D 325 8.17 -17.40 -2.27
C PHE D 325 8.21 -15.91 -2.03
N LEU D 326 8.13 -15.14 -3.12
CA LEU D 326 8.00 -13.68 -3.00
C LEU D 326 6.53 -13.33 -2.97
N GLY D 327 6.12 -12.60 -1.95
CA GLY D 327 4.74 -12.15 -1.82
C GLY D 327 4.62 -10.68 -2.18
N LYS D 328 3.53 -10.06 -1.72
CA LYS D 328 3.32 -8.62 -1.92
C LYS D 328 4.60 -7.82 -1.61
N ASP D 329 4.93 -6.89 -2.52
CA ASP D 329 6.13 -6.03 -2.41
C ASP D 329 7.46 -6.76 -2.64
N SER D 330 7.36 -8.03 -3.08
CA SER D 330 8.50 -8.88 -3.39
C SER D 330 9.29 -9.19 -2.11
N ILE D 331 8.56 -9.16 -1.00
CA ILE D 331 9.10 -9.58 0.30
C ILE D 331 9.02 -11.09 0.33
N ARG D 332 10.14 -11.70 0.67
CA ARG D 332 10.27 -13.15 0.68
C ARG D 332 9.57 -13.75 1.89
N TYR D 333 8.82 -14.81 1.67
CA TYR D 333 8.20 -15.56 2.73
C TYR D 333 8.94 -16.90 2.79
N GLN D 334 9.57 -17.17 3.94
CA GLN D 334 10.29 -18.41 4.21
C GLN D 334 9.77 -18.96 5.52
N ASN D 335 9.23 -20.17 5.47
CA ASN D 335 8.68 -20.81 6.66
C ASN D 335 8.60 -22.31 6.50
N ASP D 336 9.04 -23.02 7.54
CA ASP D 336 8.83 -24.46 7.68
C ASP D 336 7.62 -24.69 8.57
N VAL D 337 6.61 -25.36 8.04
CA VAL D 337 5.31 -25.46 8.69
C VAL D 337 4.91 -26.93 8.84
N ALA D 338 4.63 -27.33 10.08
CA ALA D 338 4.12 -28.65 10.37
C ALA D 338 2.62 -28.61 10.16
N VAL D 339 2.12 -29.34 9.17
CA VAL D 339 0.70 -29.30 8.82
C VAL D 339 -0.01 -30.57 9.23
N LEU D 340 -1.34 -30.49 9.29
CA LEU D 340 -2.17 -31.67 9.44
C LEU D 340 -1.74 -32.73 8.42
N PRO D 341 -1.65 -34.01 8.85
CA PRO D 341 -1.33 -35.09 7.89
C PRO D 341 -2.28 -35.17 6.69
N GLU D 342 -3.55 -34.81 6.89
CA GLU D 342 -4.55 -34.79 5.83
C GLU D 342 -4.29 -33.69 4.80
N VAL D 343 -3.66 -32.59 5.24
CA VAL D 343 -3.31 -31.47 4.37
C VAL D 343 -2.02 -31.80 3.62
N TYR D 344 -1.08 -32.42 4.34
CA TYR D 344 0.19 -32.83 3.75
C TYR D 344 -0.01 -33.84 2.62
N ALA D 345 -0.93 -34.80 2.81
CA ALA D 345 -1.30 -35.79 1.79
C ALA D 345 -2.02 -35.19 0.57
N LEU D 346 -2.92 -34.25 0.82
CA LEU D 346 -3.58 -33.46 -0.21
C LEU D 346 -2.57 -32.67 -1.07
N LEU D 347 -1.58 -32.04 -0.44
CA LEU D 347 -0.48 -31.37 -1.11
C LEU D 347 0.38 -32.27 -2.00
N GLN D 348 0.54 -33.54 -1.61
CA GLN D 348 1.22 -34.52 -2.46
C GLN D 348 0.38 -34.79 -3.71
N ARG D 349 -0.94 -34.89 -3.54
CA ARG D 349 -1.87 -35.04 -4.63
C ARG D 349 -1.80 -33.82 -5.57
N PHE D 350 -1.76 -32.63 -4.98
CA PHE D 350 -1.84 -31.37 -5.72
C PHE D 350 -0.59 -31.08 -6.53
N THR D 351 0.50 -31.79 -6.25
CA THR D 351 1.79 -31.51 -6.90
C THR D 351 2.42 -32.68 -7.64
N ARG D 352 1.88 -33.89 -7.55
CA ARG D 352 2.69 -35.06 -7.86
C ARG D 352 3.40 -35.10 -9.24
N ARG D 353 2.68 -34.90 -10.34
CA ARG D 353 3.41 -35.05 -11.60
C ARG D 353 3.60 -33.71 -12.33
N LYS D 354 3.46 -32.62 -11.58
CA LYS D 354 3.42 -31.28 -12.12
C LYS D 354 4.82 -30.66 -12.22
N SER D 355 5.06 -29.87 -13.26
CA SER D 355 6.33 -29.17 -13.35
C SER D 355 6.37 -27.95 -12.39
N PRO D 356 7.57 -27.44 -12.07
CA PRO D 356 7.70 -26.38 -11.02
C PRO D 356 6.88 -25.09 -11.26
N GLY D 357 6.74 -24.69 -12.52
CA GLY D 357 5.98 -23.50 -12.86
C GLY D 357 4.46 -23.62 -12.91
N MET D 358 3.90 -24.76 -12.56
CA MET D 358 2.45 -24.95 -12.60
C MET D 358 1.81 -24.57 -11.26
N ASP D 359 0.55 -24.10 -11.29
CA ASP D 359 -0.20 -23.75 -10.08
C ASP D 359 -0.57 -24.98 -9.27
N ILE D 360 -0.43 -24.86 -7.95
CA ILE D 360 -0.92 -25.83 -6.97
C ILE D 360 -2.45 -25.85 -6.90
N PHE D 361 -3.05 -24.68 -6.79
CA PHE D 361 -4.51 -24.56 -6.75
C PHE D 361 -5.09 -24.15 -8.11
N ASP D 362 -4.84 -24.96 -9.13
CA ASP D 362 -5.27 -24.67 -10.50
C ASP D 362 -6.81 -24.62 -10.69
N GLN D 363 -7.53 -25.22 -9.75
CA GLN D 363 -9.00 -25.27 -9.78
C GLN D 363 -9.64 -24.33 -8.74
N LEU D 364 -8.86 -23.38 -8.22
CA LEU D 364 -9.35 -22.39 -7.23
C LEU D 364 -8.90 -20.94 -7.53
N ASN D 365 -9.84 -20.02 -7.63
CA ASN D 365 -9.48 -18.58 -7.69
C ASN D 365 -10.02 -17.78 -6.48
N PRO D 366 -9.51 -16.56 -6.25
CA PRO D 366 -9.95 -15.78 -5.08
C PRO D 366 -11.47 -15.50 -5.03
N THR D 367 -12.08 -15.28 -6.18
CA THR D 367 -13.54 -15.09 -6.29
C THR D 367 -14.36 -16.25 -5.69
N GLN D 368 -13.97 -17.48 -6.01
CA GLN D 368 -14.65 -18.67 -5.52
C GLN D 368 -14.46 -18.81 -4.03
N LEU D 369 -13.23 -18.55 -3.57
CA LEU D 369 -12.92 -18.58 -2.14
C LEU D 369 -13.70 -17.54 -1.34
N ASN D 370 -13.76 -16.31 -1.82
CA ASN D 370 -14.46 -15.25 -1.11
C ASN D 370 -15.98 -15.40 -1.15
N ASP D 371 -16.51 -15.99 -2.23
CA ASP D 371 -17.94 -16.30 -2.31
C ASP D 371 -18.33 -17.39 -1.30
N HIS D 372 -17.53 -18.45 -1.22
CA HIS D 372 -17.76 -19.48 -0.21
C HIS D 372 -17.79 -18.92 1.22
N LEU D 373 -16.86 -18.01 1.52
CA LEU D 373 -16.76 -17.37 2.84
C LEU D 373 -17.99 -16.55 3.25
N LYS D 374 -18.64 -15.92 2.28
CA LYS D 374 -19.91 -15.20 2.51
C LYS D 374 -21.03 -16.09 3.05
N SER D 375 -20.90 -17.41 2.87
CA SER D 375 -21.89 -18.38 3.35
C SER D 375 -21.84 -18.56 4.88
N PHE D 376 -20.70 -18.21 5.48
CA PHE D 376 -20.50 -18.30 6.93
C PHE D 376 -20.86 -17.01 7.68
N MET D 377 -20.68 -15.86 7.02
CA MET D 377 -20.75 -14.54 7.64
C MET D 377 -20.78 -13.47 6.56
N ASP D 378 -21.64 -12.48 6.73
CA ASP D 378 -21.75 -11.36 5.79
C ASP D 378 -20.49 -10.50 5.79
N GLY D 379 -20.04 -10.12 4.60
CA GLY D 379 -18.81 -9.35 4.46
C GLY D 379 -17.51 -10.12 4.62
N LEU D 380 -17.56 -11.41 4.96
CA LEU D 380 -16.34 -12.17 5.20
C LEU D 380 -15.53 -12.44 3.92
N SER D 381 -14.23 -12.17 3.98
CA SER D 381 -13.35 -12.33 2.84
C SER D 381 -12.00 -12.67 3.43
N ALA D 382 -11.04 -13.06 2.60
CA ALA D 382 -9.76 -13.58 3.07
C ALA D 382 -8.89 -12.59 3.86
N LYS D 383 -9.01 -11.29 3.59
CA LYS D 383 -8.11 -10.31 4.21
C LYS D 383 -8.45 -10.19 5.69
N VAL D 384 -9.72 -10.51 6.01
CA VAL D 384 -10.24 -10.43 7.38
C VAL D 384 -9.54 -11.39 8.34
N PHE D 385 -9.14 -12.58 7.83
CA PHE D 385 -8.39 -13.55 8.63
C PHE D 385 -7.04 -13.01 9.07
N ARG D 386 -6.55 -12.07 8.28
CA ARG D 386 -5.23 -11.52 8.52
C ARG D 386 -5.30 -10.49 9.66
N THR D 387 -6.33 -9.63 9.60
CA THR D 387 -6.72 -8.73 10.68
C THR D 387 -7.04 -9.50 11.97
N TYR D 388 -7.83 -10.56 11.82
CA TYR D 388 -8.18 -11.46 12.92
C TYR D 388 -6.93 -12.09 13.57
N ASN D 389 -6.05 -12.62 12.73
CA ASN D 389 -4.84 -13.28 13.20
C ASN D 389 -3.89 -12.35 13.93
N ALA D 390 -3.75 -11.12 13.43
CA ALA D 390 -2.83 -10.16 14.01
C ALA D 390 -3.34 -9.71 15.37
N SER D 391 -4.65 -9.44 15.43
CA SER D 391 -5.30 -8.92 16.62
C SER D 391 -5.46 -9.97 17.72
N ILE D 392 -5.85 -11.18 17.34
CA ILE D 392 -6.02 -12.27 18.28
C ILE D 392 -4.69 -12.75 18.84
N THR D 393 -3.61 -12.56 18.09
CA THR D 393 -2.26 -12.91 18.53
C THR D 393 -1.77 -11.98 19.65
N LEU D 394 -2.14 -10.71 19.57
CA LEU D 394 -1.76 -9.76 20.62
C LEU D 394 -2.61 -9.97 21.89
N ASP D 395 -3.91 -10.16 21.68
CA ASP D 395 -4.86 -10.44 22.74
C ASP D 395 -4.38 -11.64 23.56
N ARG D 396 -4.25 -12.79 22.90
CA ARG D 396 -3.78 -14.03 23.53
C ARG D 396 -2.48 -13.82 24.33
N TRP D 397 -1.49 -13.17 23.74
CA TRP D 397 -0.20 -12.94 24.40
C TRP D 397 -0.38 -12.16 25.72
N PHE D 398 -1.15 -11.06 25.67
CA PHE D 398 -1.42 -10.25 26.86
C PHE D 398 -2.13 -11.09 27.92
N LYS D 399 -3.05 -11.95 27.49
CA LYS D 399 -3.88 -12.76 28.38
C LYS D 399 -3.23 -14.01 28.97
N GLU D 400 -2.30 -14.63 28.24
CA GLU D 400 -1.62 -15.83 28.76
C GLU D 400 -0.15 -15.64 29.09
N LYS D 401 0.38 -14.44 28.84
CA LYS D 401 1.72 -14.09 29.30
C LYS D 401 1.79 -12.66 29.87
N PRO D 402 1.12 -12.41 31.03
CA PRO D 402 0.99 -11.06 31.60
C PRO D 402 2.29 -10.46 32.17
N TRP D 407 6.76 -4.35 36.97
CA TRP D 407 7.96 -3.93 36.23
C TRP D 407 8.00 -2.44 35.92
N SER D 408 9.21 -1.98 35.62
CA SER D 408 9.47 -0.64 35.13
C SER D 408 8.63 -0.29 33.87
N THR D 409 8.35 1.00 33.68
CA THR D 409 7.64 1.47 32.47
C THR D 409 8.39 1.10 31.18
N ALA D 410 9.72 1.04 31.25
CA ALA D 410 10.56 0.66 30.11
C ALA D 410 10.58 -0.85 29.89
N ASP D 411 10.65 -1.62 30.99
CA ASP D 411 10.62 -3.08 30.93
C ASP D 411 9.28 -3.59 30.38
N LYS D 412 8.21 -2.87 30.66
CA LYS D 412 6.88 -3.23 30.18
C LYS D 412 6.71 -2.91 28.69
N LEU D 413 7.55 -2.00 28.18
CA LEU D 413 7.60 -1.66 26.76
C LEU D 413 8.38 -2.69 25.96
N ALA D 414 9.52 -3.15 26.48
CA ALA D 414 10.28 -4.22 25.84
C ALA D 414 9.40 -5.45 25.68
N TYR D 415 8.52 -5.65 26.67
CA TYR D 415 7.50 -6.70 26.65
C TYR D 415 6.45 -6.45 25.55
N PHE D 416 6.11 -5.18 25.34
CA PHE D 416 5.24 -4.82 24.24
C PHE D 416 5.93 -5.05 22.88
N ASN D 417 7.12 -4.49 22.70
CA ASN D 417 7.93 -4.68 21.50
C ASN D 417 8.00 -6.15 21.08
N LYS D 418 8.13 -7.05 22.05
CA LYS D 418 8.23 -8.51 21.81
C LYS D 418 6.91 -9.13 21.36
N ALA D 419 5.81 -8.66 21.94
CA ALA D 419 4.47 -9.11 21.53
C ALA D 419 4.07 -8.53 20.15
N ASN D 420 4.53 -7.31 19.86
CA ASN D 420 4.41 -6.69 18.54
C ASN D 420 5.22 -7.43 17.47
N THR D 421 6.45 -7.81 17.84
CA THR D 421 7.39 -8.59 16.99
C THR D 421 6.77 -9.92 16.60
N GLU D 422 6.07 -10.58 17.52
CA GLU D 422 5.42 -11.85 17.17
C GLU D 422 4.33 -11.66 16.09
N VAL D 423 3.57 -10.58 16.23
CA VAL D 423 2.57 -10.15 15.24
C VAL D 423 3.20 -9.87 13.86
N ALA D 424 4.30 -9.12 13.85
CA ALA D 424 5.01 -8.75 12.63
C ALA D 424 5.63 -9.96 11.90
N ILE D 425 6.11 -10.94 12.66
CA ILE D 425 6.65 -12.20 12.09
C ILE D 425 5.57 -13.03 11.40
N LEU D 426 4.41 -13.17 12.06
CA LEU D 426 3.24 -13.84 11.50
C LEU D 426 2.80 -13.22 10.17
N CYS D 427 2.85 -11.89 10.12
CA CYS D 427 2.44 -11.10 8.97
C CYS D 427 3.52 -11.00 7.89
N ASN D 428 4.75 -11.26 8.29
CA ASN D 428 5.94 -11.19 7.44
C ASN D 428 6.29 -9.77 6.98
N HIS D 429 6.10 -8.83 7.90
CA HIS D 429 6.45 -7.44 7.69
C HIS D 429 7.96 -7.20 7.88
N GLN D 430 8.58 -6.61 6.86
CA GLN D 430 10.03 -6.47 6.76
C GLN D 430 10.49 -5.08 6.29
N LYS D 431 11.65 -4.67 6.78
CA LYS D 431 12.23 -3.37 6.47
C LYS D 431 13.68 -3.63 6.06
N SER D 432 14.17 -2.94 5.05
CA SER D 432 15.57 -3.11 4.72
C SER D 432 16.36 -1.93 5.29
N LYS E 11 17.49 -7.78 5.73
CA LYS E 11 16.10 -7.33 6.07
C LYS E 11 15.70 -7.64 7.50
N ALA E 12 15.13 -6.65 8.18
CA ALA E 12 14.70 -6.81 9.55
C ALA E 12 13.18 -6.85 9.66
N VAL E 13 12.69 -7.39 10.77
CA VAL E 13 11.26 -7.39 11.11
C VAL E 13 10.78 -5.93 11.27
N SER E 14 9.59 -5.66 10.75
CA SER E 14 9.04 -4.32 10.73
C SER E 14 7.77 -4.32 11.57
N LEU E 15 7.77 -3.48 12.60
CA LEU E 15 6.70 -3.51 13.59
C LEU E 15 5.57 -2.52 13.29
N GLY E 16 5.86 -1.55 12.43
CA GLY E 16 4.93 -0.47 12.10
C GLY E 16 3.64 -0.90 11.40
N THR E 17 3.80 -1.66 10.32
CA THR E 17 2.67 -2.08 9.48
C THR E 17 1.53 -2.72 10.27
N SER E 18 1.84 -3.63 11.18
CA SER E 18 0.82 -4.30 11.97
C SER E 18 0.12 -3.34 12.96
N LYS E 19 0.86 -2.44 13.59
CA LYS E 19 0.26 -1.48 14.49
C LYS E 19 -0.64 -0.50 13.75
N ILE E 20 -0.18 -0.05 12.57
CA ILE E 20 -0.87 0.92 11.73
C ILE E 20 -2.16 0.40 11.10
N ASN E 21 -2.18 -0.91 10.75
CA ASN E 21 -3.22 -1.46 9.85
C ASN E 21 -3.96 -2.66 10.39
N TYR E 22 -3.31 -3.44 11.26
CA TYR E 22 -3.71 -4.82 11.51
C TYR E 22 -4.22 -5.17 12.92
N ILE E 23 -3.67 -4.51 13.94
CA ILE E 23 -4.07 -4.75 15.33
C ILE E 23 -5.19 -3.77 15.73
N ASP E 24 -6.27 -4.28 16.32
CA ASP E 24 -7.31 -3.41 16.87
C ASP E 24 -6.62 -2.46 17.86
N PRO E 25 -6.72 -1.13 17.62
CA PRO E 25 -5.97 -0.21 18.49
C PRO E 25 -6.52 -0.17 19.94
N ARG E 26 -7.76 -0.64 20.12
CA ARG E 26 -8.41 -0.80 21.42
C ARG E 26 -7.73 -1.88 22.26
N ILE E 27 -7.07 -2.84 21.62
CA ILE E 27 -6.28 -3.85 22.34
C ILE E 27 -5.06 -3.17 22.99
N ILE E 28 -4.33 -2.38 22.19
CA ILE E 28 -3.19 -1.62 22.66
C ILE E 28 -3.56 -0.59 23.74
N CYS E 29 -4.59 0.21 23.48
CA CYS E 29 -5.08 1.21 24.44
C CYS E 29 -5.56 0.66 25.79
N SER E 30 -6.32 -0.44 25.80
CA SER E 30 -6.70 -1.16 27.04
C SER E 30 -5.53 -1.57 27.91
N TRP E 31 -4.56 -2.22 27.28
CA TRP E 31 -3.41 -2.76 27.99
C TRP E 31 -2.52 -1.64 28.50
N ALA E 32 -2.40 -0.56 27.72
CA ALA E 32 -1.59 0.58 28.13
C ALA E 32 -2.16 1.35 29.33
N LYS E 33 -3.49 1.39 29.46
CA LYS E 33 -4.14 2.05 30.60
C LYS E 33 -4.16 1.15 31.83
N ALA E 34 -4.27 -0.16 31.61
CA ALA E 34 -4.30 -1.15 32.69
C ALA E 34 -2.92 -1.48 33.24
N GLN E 35 -1.88 -0.98 32.59
CA GLN E 35 -0.49 -1.19 33.05
C GLN E 35 0.18 0.16 33.19
N ASP E 36 -0.63 1.22 33.14
CA ASP E 36 -0.17 2.60 33.28
C ASP E 36 1.05 2.96 32.42
N VAL E 37 1.10 2.42 31.20
CA VAL E 37 2.09 2.83 30.20
C VAL E 37 1.52 4.00 29.38
N PRO E 38 2.27 5.11 29.25
CA PRO E 38 1.76 6.22 28.44
C PRO E 38 1.56 5.83 26.97
N ILE E 39 0.42 6.21 26.39
CA ILE E 39 0.11 5.98 24.96
C ILE E 39 1.24 6.47 24.02
N ASN E 40 1.80 7.64 24.35
CA ASN E 40 2.84 8.31 23.56
C ASN E 40 4.13 7.51 23.33
N LYS E 41 4.31 6.41 24.04
CA LYS E 41 5.50 5.56 23.86
C LYS E 41 5.23 4.33 22.95
N ILE E 42 4.01 4.28 22.41
CA ILE E 42 3.56 3.22 21.50
C ILE E 42 2.99 3.80 20.20
N PHE E 43 2.07 4.76 20.31
CA PHE E 43 1.55 5.51 19.17
C PHE E 43 2.15 6.90 19.15
N SER E 44 2.74 7.28 18.01
CA SER E 44 3.18 8.65 17.79
C SER E 44 1.96 9.58 17.77
N ALA E 45 2.21 10.88 17.76
CA ALA E 45 1.18 11.92 17.64
C ALA E 45 0.19 11.67 16.49
N THR E 46 0.73 11.34 15.33
CA THR E 46 -0.06 11.12 14.11
C THR E 46 -0.93 9.87 14.18
N ILE E 47 -0.41 8.78 14.73
CA ILE E 47 -1.22 7.56 14.84
C ILE E 47 -2.25 7.60 15.99
N GLN E 48 -2.02 8.47 16.97
CA GLN E 48 -3.04 8.78 17.97
C GLN E 48 -4.23 9.52 17.35
N LYS E 49 -3.94 10.47 16.47
CA LYS E 49 -4.99 11.21 15.74
C LYS E 49 -5.75 10.32 14.71
N LYS E 50 -5.17 9.16 14.38
CA LYS E 50 -5.82 8.16 13.53
C LYS E 50 -6.86 7.33 14.29
N PHE E 51 -6.61 7.15 15.59
CA PHE E 51 -7.36 6.20 16.40
C PHE E 51 -8.12 6.81 17.59
N PRO E 52 -8.76 8.01 17.41
CA PRO E 52 -9.35 8.70 18.57
C PRO E 52 -10.55 7.96 19.17
N TRP E 53 -11.18 7.13 18.35
CA TRP E 53 -12.31 6.30 18.73
C TRP E 53 -11.89 5.09 19.59
N ALA E 54 -10.59 4.91 19.73
CA ALA E 54 -10.04 3.79 20.46
C ALA E 54 -9.28 4.19 21.72
N MET E 55 -9.12 5.49 21.92
CA MET E 55 -8.18 6.00 22.91
C MET E 55 -8.65 5.70 24.32
N ASN E 56 -9.96 5.48 24.47
CA ASN E 56 -10.60 5.52 25.79
C ASN E 56 -10.77 4.11 26.35
N ALA E 57 -10.29 3.12 25.61
CA ALA E 57 -9.43 2.09 26.17
C ALA E 57 -9.98 1.56 27.49
N GLU E 58 -10.99 0.69 27.40
CA GLU E 58 -11.67 0.19 28.59
C GLU E 58 -11.70 -1.33 28.59
N ASN E 59 -10.84 -1.93 29.41
CA ASN E 59 -10.98 -3.35 29.77
C ASN E 59 -11.44 -4.17 28.58
N PHE E 60 -10.72 -4.06 27.46
CA PHE E 60 -11.28 -4.37 26.17
C PHE E 60 -11.00 -5.81 25.82
N ASP E 61 -12.04 -6.55 25.47
CA ASP E 61 -11.86 -7.91 24.98
C ASP E 61 -12.14 -7.97 23.49
N PHE E 62 -11.10 -8.19 22.69
CA PHE E 62 -11.27 -8.36 21.23
C PHE E 62 -12.10 -9.63 20.99
V VO4 F . -0.70 -6.11 4.36
O1 VO4 F . 0.49 -6.88 5.37
O2 VO4 F . -1.65 -7.01 3.16
#